data_1HQO
#
_entry.id   1HQO
#
_cell.length_a   64.310
_cell.length_b   69.190
_cell.length_c   149.990
_cell.angle_alpha   90.00
_cell.angle_beta   90.00
_cell.angle_gamma   90.00
#
_symmetry.space_group_name_H-M   'P 21 21 21'
#
loop_
_entity.id
_entity.type
_entity.pdbx_description
1 polymer 'URE2 PROTEIN'
2 water water
#
_entity_poly.entity_id   1
_entity_poly.type   'polypeptide(L)'
_entity_poly.pdbx_seq_one_letter_code
;VEYSRITKFFQEQPLEGYTLFSHRSAPNGFKVAIVLSELGFHYNTIFLDFNLGEHRAPEFVSVNPNARVPALIDHG
(MSE)DNLSIWESGAILLHLVNKYYKETGNPLLWSDDLADQSQINAWLFFQTSGHAP(MSE)IGQALHFRYFHSQKIASA
VERYTDEVRRVYGVVE(MSE)ALAERREALV(MSE)ELDTENAAAYSAGTTP(MSE)SQSRFFDYPVWLVGDKLTIADLA
FVPWNNVVDRIGINIKIEFPEVYKWTKH(MSE)(MSE)RRPAVIKALRGE
;
_entity_poly.pdbx_strand_id   A,B
#
# COMPACT_ATOMS: atom_id res chain seq x y z
N PHE A 10 1.78 30.16 -4.52
CA PHE A 10 2.45 30.34 -3.20
C PHE A 10 3.94 29.94 -3.21
N GLN A 11 4.31 29.18 -2.20
CA GLN A 11 5.67 28.70 -2.02
C GLN A 11 6.36 28.13 -3.25
N GLU A 12 7.58 28.64 -3.45
CA GLU A 12 8.44 28.26 -4.57
C GLU A 12 9.65 27.51 -4.01
N GLN A 13 9.52 26.19 -3.97
CA GLN A 13 10.60 25.36 -3.45
C GLN A 13 11.74 25.23 -4.50
N PRO A 14 12.97 25.64 -4.15
CA PRO A 14 14.22 25.63 -4.96
C PRO A 14 14.68 24.26 -5.52
N LEU A 15 14.86 24.19 -6.84
CA LEU A 15 15.26 23.00 -7.63
C LEU A 15 16.36 22.00 -7.19
N GLU A 16 16.63 21.93 -5.89
CA GLU A 16 17.59 20.95 -5.42
C GLU A 16 17.10 20.36 -4.10
N GLY A 17 17.28 19.04 -3.96
CA GLY A 17 16.84 18.37 -2.75
C GLY A 17 15.37 17.99 -2.83
N TYR A 18 14.66 18.13 -1.70
CA TYR A 18 13.26 17.77 -1.59
C TYR A 18 12.54 18.54 -0.50
N THR A 19 11.23 18.71 -0.68
CA THR A 19 10.41 19.36 0.32
C THR A 19 9.43 18.30 0.76
N LEU A 20 9.23 18.18 2.05
CA LEU A 20 8.33 17.18 2.57
C LEU A 20 7.15 17.83 3.26
N PHE A 21 5.95 17.51 2.81
CA PHE A 21 4.76 18.05 3.44
C PHE A 21 4.27 17.01 4.40
N SER A 22 4.46 17.28 5.68
CA SER A 22 4.06 16.35 6.71
C SER A 22 3.18 17.00 7.76
N HIS A 23 3.05 16.33 8.91
CA HIS A 23 2.25 16.83 10.01
C HIS A 23 2.95 16.37 11.29
N ARG A 24 3.09 17.26 12.26
CA ARG A 24 3.78 16.94 13.51
C ARG A 24 3.42 15.60 14.16
N SER A 25 2.22 15.13 13.93
CA SER A 25 1.75 13.87 14.54
C SER A 25 1.42 12.81 13.48
N ALA A 26 2.14 12.79 12.36
CA ALA A 26 1.87 11.84 11.29
C ALA A 26 3.01 10.82 11.16
N PRO A 27 2.77 9.58 11.64
CA PRO A 27 3.84 8.61 11.53
C PRO A 27 4.31 8.38 10.10
N ASN A 28 3.40 8.25 9.13
CA ASN A 28 3.82 8.00 7.76
C ASN A 28 4.68 9.13 7.27
N GLY A 29 4.57 10.25 7.97
CA GLY A 29 5.37 11.40 7.61
C GLY A 29 6.79 11.21 8.10
N PHE A 30 6.93 10.88 9.38
CA PHE A 30 8.26 10.67 9.94
C PHE A 30 8.89 9.46 9.30
N LYS A 31 8.08 8.67 8.62
CA LYS A 31 8.55 7.49 7.92
C LYS A 31 9.35 7.92 6.69
N VAL A 32 8.87 8.90 5.95
CA VAL A 32 9.60 9.36 4.77
C VAL A 32 10.85 10.10 5.20
N ALA A 33 10.73 10.87 6.28
CA ALA A 33 11.83 11.66 6.84
C ALA A 33 12.99 10.76 7.22
N ILE A 34 12.67 9.69 7.92
CA ILE A 34 13.68 8.75 8.34
C ILE A 34 14.45 8.22 7.13
N VAL A 35 13.72 7.81 6.08
CA VAL A 35 14.37 7.28 4.88
C VAL A 35 15.14 8.35 4.14
N LEU A 36 14.68 9.58 4.22
CA LEU A 36 15.40 10.62 3.54
C LEU A 36 16.74 10.71 4.25
N SER A 37 16.72 10.97 5.56
CA SER A 37 17.96 11.09 6.34
C SER A 37 18.91 9.90 6.21
N GLU A 38 18.36 8.69 6.19
CA GLU A 38 19.14 7.48 6.11
C GLU A 38 19.76 7.29 4.72
N LEU A 39 19.23 8.02 3.74
CA LEU A 39 19.73 7.95 2.39
C LEU A 39 20.61 9.17 2.09
N GLY A 40 20.65 10.11 3.02
CA GLY A 40 21.49 11.27 2.80
C GLY A 40 20.81 12.50 2.20
N PHE A 41 19.86 12.28 1.29
CA PHE A 41 19.13 13.37 0.64
C PHE A 41 18.84 14.55 1.53
N HIS A 42 19.00 15.75 0.97
CA HIS A 42 18.74 16.98 1.71
C HIS A 42 17.27 17.34 1.54
N TYR A 43 16.59 17.58 2.66
CA TYR A 43 15.18 17.89 2.57
C TYR A 43 14.73 18.88 3.62
N ASN A 44 13.58 19.50 3.38
CA ASN A 44 13.04 20.45 4.33
C ASN A 44 11.62 19.99 4.58
N THR A 45 11.16 20.15 5.82
CA THR A 45 9.83 19.72 6.17
C THR A 45 8.92 20.89 6.39
N ILE A 46 7.77 20.85 5.74
CA ILE A 46 6.78 21.90 5.89
C ILE A 46 5.63 21.24 6.62
N PHE A 47 5.35 21.66 7.85
CA PHE A 47 4.23 21.06 8.54
C PHE A 47 3.00 21.80 8.09
N LEU A 48 1.83 21.26 8.39
CA LEU A 48 0.55 21.85 8.00
C LEU A 48 -0.44 21.78 9.15
N ASP A 49 -1.38 22.72 9.23
CA ASP A 49 -2.38 22.71 10.30
C ASP A 49 -3.65 22.17 9.66
N PHE A 50 -4.10 21.00 10.10
CA PHE A 50 -5.32 20.44 9.54
C PHE A 50 -6.59 21.12 10.04
N ASN A 51 -6.50 21.75 11.22
CA ASN A 51 -7.66 22.45 11.80
C ASN A 51 -7.83 23.82 11.13
N LEU A 52 -6.71 24.38 10.67
CA LEU A 52 -6.74 25.66 9.97
C LEU A 52 -6.94 25.34 8.50
N GLY A 53 -7.22 24.06 8.24
CA GLY A 53 -7.44 23.58 6.88
C GLY A 53 -6.42 24.02 5.85
N GLU A 54 -5.18 24.33 6.26
CA GLU A 54 -4.15 24.78 5.32
C GLU A 54 -3.66 23.65 4.40
N HIS A 55 -4.29 22.49 4.55
CA HIS A 55 -3.99 21.32 3.73
C HIS A 55 -5.01 21.28 2.58
N ARG A 56 -5.98 22.18 2.62
CA ARG A 56 -6.99 22.30 1.56
C ARG A 56 -6.57 23.43 0.61
N ALA A 57 -5.38 24.01 0.87
CA ALA A 57 -4.83 25.09 0.02
C ALA A 57 -4.67 24.55 -1.41
N PRO A 58 -5.61 24.90 -2.31
CA PRO A 58 -5.63 24.46 -3.72
C PRO A 58 -4.31 24.18 -4.43
N GLU A 59 -3.22 24.76 -3.96
CA GLU A 59 -1.94 24.50 -4.62
C GLU A 59 -1.29 23.23 -4.08
N PHE A 60 -1.57 22.95 -2.81
CA PHE A 60 -1.07 21.73 -2.18
C PHE A 60 -1.96 20.63 -2.74
N VAL A 61 -3.27 20.90 -2.78
CA VAL A 61 -4.24 19.94 -3.30
C VAL A 61 -3.87 19.51 -4.70
N SER A 62 -3.14 20.38 -5.40
CA SER A 62 -2.74 20.08 -6.77
C SER A 62 -1.66 18.99 -6.81
N VAL A 63 -0.73 19.02 -5.85
CA VAL A 63 0.38 18.05 -5.78
C VAL A 63 0.06 16.77 -5.00
N ASN A 64 -0.94 16.85 -4.11
CA ASN A 64 -1.36 15.72 -3.29
C ASN A 64 -2.85 15.53 -3.51
N PRO A 65 -3.22 14.89 -4.61
CA PRO A 65 -4.64 14.69 -4.87
C PRO A 65 -5.47 14.07 -3.76
N ASN A 66 -4.84 13.30 -2.88
CA ASN A 66 -5.59 12.64 -1.81
C ASN A 66 -5.93 13.47 -0.57
N ALA A 67 -5.24 14.58 -0.39
CA ALA A 67 -5.48 15.46 0.75
C ALA A 67 -4.89 14.94 2.06
N ARG A 68 -4.09 13.88 1.97
CA ARG A 68 -3.48 13.33 3.17
C ARG A 68 -1.98 13.40 3.07
N VAL A 69 -1.38 13.73 4.20
CA VAL A 69 0.05 13.80 4.34
C VAL A 69 0.57 12.32 4.40
N PRO A 70 1.83 12.07 3.99
CA PRO A 70 2.81 13.01 3.48
C PRO A 70 2.78 13.17 1.98
N ALA A 71 3.56 14.15 1.51
CA ALA A 71 3.73 14.46 0.09
C ALA A 71 5.18 14.88 -0.06
N LEU A 72 5.85 14.40 -1.11
CA LEU A 72 7.24 14.78 -1.29
C LEU A 72 7.47 15.31 -2.68
N ILE A 73 8.12 16.46 -2.73
CA ILE A 73 8.42 17.11 -3.97
C ILE A 73 9.88 16.93 -4.29
N ASP A 74 10.11 16.24 -5.39
CA ASP A 74 11.44 15.96 -5.85
C ASP A 74 11.83 17.06 -6.82
N HIS A 75 12.36 18.14 -6.29
CA HIS A 75 12.77 19.28 -7.09
C HIS A 75 13.76 18.91 -8.20
N GLY A 76 14.77 18.10 -7.88
CA GLY A 76 15.72 17.71 -8.90
C GLY A 76 15.04 17.14 -10.14
N ASP A 78 11.93 18.51 -11.71
CA ASP A 78 10.86 19.44 -12.10
C ASP A 78 9.74 19.46 -11.11
N ASN A 79 10.10 19.53 -9.85
CA ASN A 79 9.09 19.55 -8.81
C ASN A 79 8.08 18.39 -8.90
N LEU A 80 8.58 17.17 -9.14
CA LEU A 80 7.71 15.98 -9.17
C LEU A 80 7.17 15.71 -7.75
N SER A 81 5.87 15.45 -7.66
CA SER A 81 5.30 15.20 -6.36
C SER A 81 4.87 13.76 -6.24
N ILE A 82 5.37 13.06 -5.24
CA ILE A 82 4.95 11.68 -4.99
C ILE A 82 4.15 11.83 -3.70
N TRP A 83 2.88 11.42 -3.74
CA TRP A 83 1.98 11.61 -2.59
C TRP A 83 1.48 10.47 -1.68
N GLU A 84 2.11 9.30 -1.75
CA GLU A 84 1.75 8.20 -0.84
C GLU A 84 3.08 7.76 -0.24
N SER A 85 3.15 7.61 1.09
CA SER A 85 4.41 7.23 1.76
C SER A 85 5.12 6.02 1.17
N GLY A 86 4.36 4.99 0.79
CA GLY A 86 4.94 3.81 0.18
C GLY A 86 5.55 4.10 -1.19
N ALA A 87 4.91 4.95 -1.99
CA ALA A 87 5.44 5.28 -3.31
C ALA A 87 6.62 6.23 -3.15
N ILE A 88 6.61 7.03 -2.07
CA ILE A 88 7.70 7.96 -1.78
C ILE A 88 8.97 7.15 -1.44
N LEU A 89 8.81 6.09 -0.65
CA LEU A 89 9.94 5.24 -0.27
C LEU A 89 10.52 4.50 -1.47
N LEU A 90 9.68 3.88 -2.29
CA LEU A 90 10.16 3.20 -3.48
C LEU A 90 10.84 4.18 -4.42
N HIS A 91 10.32 5.39 -4.50
CA HIS A 91 10.92 6.41 -5.35
C HIS A 91 12.35 6.70 -4.88
N LEU A 92 12.47 7.20 -3.65
CA LEU A 92 13.76 7.53 -3.05
C LEU A 92 14.76 6.39 -3.15
N VAL A 93 14.31 5.18 -2.88
CA VAL A 93 15.16 4.01 -2.91
C VAL A 93 15.65 3.68 -4.32
N ASN A 94 14.77 3.76 -5.31
CA ASN A 94 15.14 3.45 -6.69
C ASN A 94 16.02 4.54 -7.27
N LYS A 95 15.92 5.74 -6.71
CA LYS A 95 16.73 6.84 -7.18
C LYS A 95 18.12 6.86 -6.59
N TYR A 96 18.31 6.19 -5.46
CA TYR A 96 19.61 6.13 -4.82
C TYR A 96 20.42 5.05 -5.49
N TYR A 97 19.76 3.93 -5.79
CA TYR A 97 20.43 2.82 -6.43
C TYR A 97 20.93 3.25 -7.79
N LYS A 98 20.16 4.13 -8.43
CA LYS A 98 20.50 4.62 -9.76
C LYS A 98 21.65 5.64 -9.75
N GLU A 99 21.65 6.53 -8.76
CA GLU A 99 22.70 7.53 -8.68
C GLU A 99 24.04 7.06 -8.08
N THR A 100 24.04 5.99 -7.30
CA THR A 100 25.30 5.52 -6.72
C THR A 100 25.51 4.05 -6.94
N GLY A 101 24.69 3.46 -7.81
CA GLY A 101 24.81 2.04 -8.10
C GLY A 101 24.77 1.15 -6.87
N ASN A 102 24.54 1.75 -5.70
CA ASN A 102 24.48 1.03 -4.43
C ASN A 102 23.04 1.01 -3.86
N PRO A 103 22.37 -0.18 -3.86
CA PRO A 103 21.00 -0.39 -3.36
C PRO A 103 20.85 -0.36 -1.84
N LEU A 104 21.02 0.83 -1.25
CA LEU A 104 20.92 1.00 0.18
C LEU A 104 19.47 0.95 0.63
N LEU A 105 19.23 0.26 1.74
CA LEU A 105 17.87 0.13 2.29
C LEU A 105 16.98 -0.51 1.24
N TRP A 106 17.61 -1.09 0.23
CA TRP A 106 16.90 -1.69 -0.89
C TRP A 106 17.62 -2.99 -1.29
N SER A 107 17.46 -3.43 -2.52
CA SER A 107 18.13 -4.63 -2.97
C SER A 107 18.28 -4.57 -4.46
N ASP A 108 19.30 -5.25 -4.99
CA ASP A 108 19.53 -5.30 -6.44
C ASP A 108 18.80 -6.52 -7.02
N ASP A 109 18.55 -7.48 -6.14
CA ASP A 109 17.88 -8.74 -6.47
C ASP A 109 16.38 -8.51 -6.66
N LEU A 110 15.80 -9.10 -7.70
CA LEU A 110 14.38 -8.96 -7.96
C LEU A 110 13.53 -9.76 -6.97
N ALA A 111 13.95 -10.97 -6.62
CA ALA A 111 13.19 -11.76 -5.65
C ALA A 111 13.26 -11.10 -4.25
N ASP A 112 14.34 -10.35 -4.00
CA ASP A 112 14.52 -9.66 -2.74
C ASP A 112 13.59 -8.45 -2.70
N GLN A 113 13.52 -7.73 -3.80
CA GLN A 113 12.66 -6.56 -3.87
C GLN A 113 11.20 -6.93 -3.69
N SER A 114 10.79 -8.01 -4.34
CA SER A 114 9.39 -8.43 -4.24
C SER A 114 9.02 -8.66 -2.79
N GLN A 115 10.01 -9.04 -2.00
CA GLN A 115 9.79 -9.31 -0.58
C GLN A 115 9.74 -8.02 0.22
N ILE A 116 10.56 -7.06 -0.16
CA ILE A 116 10.62 -5.75 0.50
C ILE A 116 9.27 -5.06 0.25
N ASN A 117 8.78 -5.18 -0.99
CA ASN A 117 7.51 -4.57 -1.35
C ASN A 117 6.39 -5.25 -0.56
N ALA A 118 6.43 -6.57 -0.44
CA ALA A 118 5.41 -7.30 0.30
C ALA A 118 5.27 -6.73 1.71
N TRP A 119 6.41 -6.52 2.40
CA TRP A 119 6.39 -5.99 3.75
C TRP A 119 5.96 -4.54 3.76
N LEU A 120 6.30 -3.80 2.71
CA LEU A 120 5.93 -2.38 2.63
C LEU A 120 4.41 -2.22 2.46
N PHE A 121 3.84 -2.99 1.54
CA PHE A 121 2.41 -2.94 1.33
C PHE A 121 1.72 -3.49 2.55
N PHE A 122 2.33 -4.44 3.23
CA PHE A 122 1.74 -5.01 4.42
C PHE A 122 1.61 -3.91 5.50
N GLN A 123 2.68 -3.16 5.68
CA GLN A 123 2.66 -2.09 6.66
C GLN A 123 1.68 -1.00 6.26
N THR A 124 1.82 -0.47 5.05
CA THR A 124 0.95 0.59 4.61
C THR A 124 -0.54 0.25 4.52
N SER A 125 -0.86 -0.95 4.08
CA SER A 125 -2.25 -1.30 3.92
C SER A 125 -2.82 -2.26 4.90
N GLY A 126 -2.00 -2.90 5.71
CA GLY A 126 -2.57 -3.84 6.66
C GLY A 126 -2.35 -3.46 8.10
N HIS A 127 -1.32 -2.65 8.31
CA HIS A 127 -0.90 -2.25 9.63
C HIS A 127 -1.33 -0.80 9.97
N ALA A 128 -0.79 0.19 9.27
CA ALA A 128 -1.15 1.58 9.58
C ALA A 128 -2.65 1.81 9.62
N PRO A 129 -3.37 1.42 8.55
CA PRO A 129 -4.81 1.62 8.51
C PRO A 129 -5.53 1.09 9.73
N ILE A 131 -4.28 0.55 12.75
CA ILE A 131 -3.93 1.29 13.94
C ILE A 131 -4.72 2.59 13.90
N GLY A 132 -4.81 3.19 12.72
CA GLY A 132 -5.57 4.41 12.59
C GLY A 132 -7.02 4.25 13.02
N GLN A 133 -7.65 3.14 12.65
CA GLN A 133 -9.05 2.90 13.01
C GLN A 133 -9.24 2.62 14.47
N ALA A 134 -8.26 2.00 15.11
CA ALA A 134 -8.35 1.73 16.53
C ALA A 134 -8.27 3.06 17.29
N LEU A 135 -7.42 3.99 16.84
CA LEU A 135 -7.35 5.26 17.56
C LEU A 135 -8.65 6.01 17.38
N HIS A 136 -9.26 5.88 16.22
CA HIS A 136 -10.52 6.55 15.95
C HIS A 136 -11.58 6.10 16.92
N PHE A 137 -11.99 4.85 16.82
CA PHE A 137 -13.02 4.35 17.72
C PHE A 137 -12.70 4.53 19.22
N ARG A 138 -11.44 4.80 19.53
CA ARG A 138 -11.02 5.02 20.91
C ARG A 138 -11.31 6.45 21.36
N TYR A 139 -10.85 7.43 20.58
CA TYR A 139 -11.06 8.79 21.01
C TYR A 139 -11.82 9.75 20.11
N PHE A 140 -12.35 9.31 18.98
CA PHE A 140 -13.01 10.27 18.12
C PHE A 140 -14.34 9.88 17.53
N HIS A 141 -14.83 8.70 17.82
CA HIS A 141 -16.09 8.35 17.21
C HIS A 141 -17.21 9.10 17.90
N SER A 142 -18.35 9.18 17.22
CA SER A 142 -19.51 9.86 17.79
C SER A 142 -20.02 8.97 18.92
N GLN A 143 -20.26 7.71 18.59
CA GLN A 143 -20.75 6.74 19.56
C GLN A 143 -19.60 6.10 20.33
N LYS A 144 -19.86 4.99 20.99
CA LYS A 144 -18.81 4.31 21.72
C LYS A 144 -19.09 2.83 21.65
N ILE A 145 -18.36 2.18 20.76
CA ILE A 145 -18.55 0.77 20.54
C ILE A 145 -17.32 0.05 21.04
N ALA A 146 -17.45 -0.67 22.13
CA ALA A 146 -16.31 -1.37 22.68
C ALA A 146 -15.90 -2.41 21.69
N SER A 147 -16.88 -2.89 20.95
CA SER A 147 -16.62 -3.91 19.97
C SER A 147 -15.82 -3.38 18.78
N ALA A 148 -16.03 -2.12 18.40
CA ALA A 148 -15.30 -1.55 17.28
C ALA A 148 -13.83 -1.44 17.66
N VAL A 149 -13.55 -0.98 18.88
CA VAL A 149 -12.19 -0.82 19.40
C VAL A 149 -11.47 -2.15 19.52
N GLU A 150 -12.17 -3.14 20.04
CA GLU A 150 -11.60 -4.47 20.19
C GLU A 150 -11.23 -5.02 18.84
N ARG A 151 -12.15 -4.85 17.88
CA ARG A 151 -11.94 -5.33 16.53
C ARG A 151 -10.58 -4.93 16.00
N TYR A 152 -10.26 -3.64 16.14
CA TYR A 152 -9.00 -3.09 15.66
C TYR A 152 -7.78 -3.30 16.53
N THR A 153 -7.91 -3.29 17.87
CA THR A 153 -6.75 -3.55 18.72
C THR A 153 -6.39 -5.01 18.47
N ASP A 154 -7.41 -5.80 18.14
CA ASP A 154 -7.25 -7.22 17.80
C ASP A 154 -6.50 -7.39 16.47
N GLU A 155 -6.93 -6.68 15.42
CA GLU A 155 -6.26 -6.80 14.14
C GLU A 155 -4.85 -6.25 14.21
N VAL A 156 -4.62 -5.19 14.99
CA VAL A 156 -3.26 -4.64 15.14
C VAL A 156 -2.35 -5.69 15.77
N ARG A 157 -2.82 -6.33 16.84
CA ARG A 157 -2.03 -7.34 17.50
C ARG A 157 -1.75 -8.50 16.53
N ARG A 158 -2.77 -8.88 15.76
CA ARG A 158 -2.61 -9.97 14.81
C ARG A 158 -1.49 -9.66 13.84
N VAL A 159 -1.57 -8.47 13.24
CA VAL A 159 -0.58 -8.04 12.28
C VAL A 159 0.79 -7.95 12.94
N TYR A 160 0.83 -7.59 14.22
CA TYR A 160 2.12 -7.52 14.90
C TYR A 160 2.66 -8.91 15.15
N GLY A 161 1.75 -9.87 15.34
CA GLY A 161 2.16 -11.24 15.54
C GLY A 161 2.84 -11.82 14.31
N VAL A 162 2.35 -11.46 13.13
CA VAL A 162 2.92 -11.92 11.88
C VAL A 162 4.36 -11.45 11.77
N VAL A 163 4.58 -10.21 12.19
CA VAL A 163 5.90 -9.61 12.15
C VAL A 163 6.78 -10.27 13.18
N GLU A 164 6.31 -10.32 14.43
CA GLU A 164 7.06 -10.95 15.51
C GLU A 164 7.55 -12.32 15.05
N ALA A 166 7.93 -13.60 12.04
CA ALA A 166 8.85 -13.62 10.92
C ALA A 166 10.20 -13.27 11.49
N LEU A 167 10.24 -12.36 12.45
CA LEU A 167 11.50 -11.94 13.08
C LEU A 167 12.14 -13.12 13.78
N ALA A 168 11.34 -13.84 14.56
CA ALA A 168 11.83 -15.00 15.28
C ALA A 168 12.47 -15.98 14.31
N GLU A 169 11.74 -16.40 13.30
CA GLU A 169 12.30 -17.33 12.33
C GLU A 169 13.67 -16.92 11.80
N ARG A 170 13.88 -15.63 11.54
CA ARG A 170 15.17 -15.17 11.01
C ARG A 170 16.27 -15.24 12.07
N ARG A 171 15.88 -15.24 13.34
CA ARG A 171 16.85 -15.31 14.42
C ARG A 171 17.28 -16.76 14.55
N GLU A 172 16.35 -17.71 14.43
CA GLU A 172 16.69 -19.12 14.53
C GLU A 172 17.47 -19.60 13.30
N ALA A 173 17.06 -19.19 12.11
CA ALA A 173 17.73 -19.58 10.88
C ALA A 173 19.17 -19.05 10.87
N LEU A 174 19.48 -18.18 11.83
CA LEU A 174 20.81 -17.61 11.95
C LEU A 174 21.63 -18.23 13.11
N VAL A 175 20.91 -18.87 14.05
CA VAL A 175 21.53 -19.51 15.23
C VAL A 175 22.39 -20.71 14.82
N PHE A 199 23.45 -12.71 23.11
CA PHE A 199 23.96 -12.15 21.87
C PHE A 199 22.80 -11.56 21.04
N ASP A 200 22.40 -10.33 21.34
CA ASP A 200 21.31 -9.71 20.60
C ASP A 200 21.81 -8.91 19.42
N TYR A 201 21.94 -9.59 18.29
CA TYR A 201 22.36 -8.93 17.06
C TYR A 201 21.06 -8.52 16.30
N PRO A 202 21.14 -7.45 15.47
CA PRO A 202 19.96 -7.03 14.73
C PRO A 202 19.53 -8.07 13.70
N VAL A 203 18.25 -8.34 13.65
CA VAL A 203 17.75 -9.28 12.67
C VAL A 203 16.80 -8.42 11.84
N TRP A 204 16.79 -8.61 10.51
CA TRP A 204 15.94 -7.81 9.66
C TRP A 204 14.95 -8.64 8.89
N LEU A 205 13.99 -7.99 8.26
CA LEU A 205 12.95 -8.68 7.52
C LEU A 205 13.35 -9.25 6.16
N VAL A 206 14.29 -8.59 5.49
CA VAL A 206 14.70 -9.07 4.18
C VAL A 206 16.20 -8.93 3.94
N GLY A 207 16.77 -9.99 3.36
CA GLY A 207 18.19 -10.01 3.04
C GLY A 207 19.15 -9.78 4.20
N ASP A 208 18.73 -10.14 5.41
CA ASP A 208 19.60 -9.96 6.57
C ASP A 208 20.27 -8.58 6.50
N LYS A 209 19.53 -7.59 6.03
CA LYS A 209 20.02 -6.23 5.89
C LYS A 209 18.88 -5.26 6.17
N LEU A 210 19.20 -4.06 6.65
CA LEU A 210 18.16 -3.07 6.91
C LEU A 210 17.60 -2.52 5.60
N THR A 211 16.29 -2.63 5.39
CA THR A 211 15.64 -2.09 4.19
C THR A 211 14.46 -1.22 4.61
N ILE A 212 13.85 -0.59 3.62
CA ILE A 212 12.70 0.23 3.89
C ILE A 212 11.54 -0.63 4.45
N ALA A 213 11.62 -1.95 4.29
CA ALA A 213 10.57 -2.84 4.83
C ALA A 213 10.58 -2.70 6.34
N ASP A 214 11.77 -2.75 6.92
CA ASP A 214 11.90 -2.63 8.36
C ASP A 214 11.51 -1.23 8.83
N LEU A 215 12.10 -0.23 8.21
CA LEU A 215 11.86 1.17 8.55
C LEU A 215 10.39 1.64 8.49
N ALA A 216 9.61 1.08 7.56
CA ALA A 216 8.23 1.42 7.40
C ALA A 216 7.48 1.32 8.74
N PHE A 217 7.81 0.31 9.54
CA PHE A 217 7.10 0.14 10.82
C PHE A 217 7.50 0.99 11.99
N VAL A 218 8.76 1.37 12.10
CA VAL A 218 9.22 2.09 13.29
C VAL A 218 8.42 3.27 13.82
N PRO A 219 8.02 4.22 12.95
CA PRO A 219 7.27 5.35 13.50
C PRO A 219 5.98 4.88 14.15
N TRP A 220 5.40 3.82 13.59
CA TRP A 220 4.18 3.25 14.10
C TRP A 220 4.39 2.43 15.36
N ASN A 221 5.48 1.66 15.37
CA ASN A 221 5.79 0.85 16.53
C ASN A 221 5.83 1.82 17.68
N ASN A 222 6.31 3.03 17.42
CA ASN A 222 6.41 3.99 18.49
C ASN A 222 5.09 4.50 19.08
N VAL A 223 3.97 4.27 18.39
CA VAL A 223 2.72 4.78 18.94
C VAL A 223 1.60 3.80 19.27
N VAL A 224 1.79 2.52 19.03
CA VAL A 224 0.73 1.59 19.35
C VAL A 224 0.42 1.49 20.83
N ASP A 225 1.32 2.00 21.66
CA ASP A 225 1.09 1.99 23.09
C ASP A 225 -0.13 2.89 23.33
N ARG A 226 -0.36 3.83 22.43
CA ARG A 226 -1.51 4.73 22.56
C ARG A 226 -2.81 3.96 22.43
N ILE A 227 -2.77 2.78 21.82
CA ILE A 227 -3.99 2.02 21.71
C ILE A 227 -3.92 0.76 22.55
N GLY A 228 -3.14 0.84 23.63
CA GLY A 228 -3.02 -0.26 24.55
C GLY A 228 -2.07 -1.39 24.20
N ILE A 229 -1.21 -1.20 23.22
CA ILE A 229 -0.31 -2.29 22.88
C ILE A 229 1.11 -2.05 23.42
N ASN A 230 1.55 -2.92 24.32
CA ASN A 230 2.88 -2.83 24.90
C ASN A 230 3.74 -3.82 24.11
N ILE A 231 4.66 -3.28 23.33
CA ILE A 231 5.53 -4.09 22.50
C ILE A 231 6.58 -4.86 23.27
N LYS A 232 7.10 -4.27 24.34
CA LYS A 232 8.13 -4.93 25.14
C LYS A 232 7.60 -6.20 25.80
N ILE A 233 6.33 -6.17 26.15
CA ILE A 233 5.66 -7.28 26.79
C ILE A 233 5.04 -8.25 25.80
N GLU A 234 4.34 -7.71 24.81
CA GLU A 234 3.65 -8.53 23.81
C GLU A 234 4.45 -9.04 22.63
N PHE A 235 5.40 -8.23 22.16
CA PHE A 235 6.21 -8.61 21.01
C PHE A 235 7.69 -8.35 21.20
N PRO A 236 8.36 -9.25 21.93
CA PRO A 236 9.79 -9.17 22.24
C PRO A 236 10.66 -8.94 21.02
N GLU A 237 10.45 -9.71 19.95
CA GLU A 237 11.26 -9.53 18.75
C GLU A 237 11.07 -8.11 18.20
N VAL A 238 9.80 -7.76 18.00
CA VAL A 238 9.44 -6.45 17.49
C VAL A 238 10.12 -5.35 18.34
N TYR A 239 10.08 -5.53 19.65
CA TYR A 239 10.68 -4.57 20.57
C TYR A 239 12.20 -4.38 20.37
N LYS A 240 12.91 -5.48 20.11
CA LYS A 240 14.35 -5.41 19.92
C LYS A 240 14.64 -4.78 18.59
N TRP A 241 13.85 -5.17 17.59
CA TRP A 241 13.93 -4.69 16.21
C TRP A 241 13.77 -3.16 16.16
N THR A 242 12.71 -2.67 16.81
CA THR A 242 12.44 -1.24 16.86
C THR A 242 13.57 -0.57 17.60
N LYS A 243 14.03 -1.23 18.66
CA LYS A 243 15.13 -0.72 19.45
C LYS A 243 16.42 -0.54 18.66
N HIS A 244 16.77 -1.50 17.81
CA HIS A 244 17.97 -1.38 17.00
C HIS A 244 17.82 -0.24 16.04
N ARG A 247 17.99 3.28 17.71
CA ARG A 247 19.39 3.55 18.10
C ARG A 247 20.18 4.32 17.03
N ARG A 248 19.82 4.11 15.75
CA ARG A 248 20.48 4.79 14.64
C ARG A 248 20.21 6.29 14.71
N PRO A 249 21.27 7.10 14.59
CA PRO A 249 21.14 8.57 14.66
C PRO A 249 20.32 9.19 13.52
N ALA A 250 20.48 8.63 12.32
CA ALA A 250 19.74 9.11 11.14
C ALA A 250 18.25 9.07 11.49
N VAL A 251 17.85 7.98 12.14
CA VAL A 251 16.49 7.74 12.59
C VAL A 251 16.07 8.67 13.71
N ILE A 252 17.02 9.06 14.54
CA ILE A 252 16.70 9.92 15.65
C ILE A 252 16.50 11.38 15.29
N LYS A 253 17.38 11.94 14.48
CA LYS A 253 17.26 13.34 14.09
C LYS A 253 15.99 13.55 13.31
N ALA A 254 15.70 12.59 12.43
CA ALA A 254 14.51 12.69 11.64
C ALA A 254 13.30 12.80 12.56
N LEU A 255 13.29 11.99 13.61
CA LEU A 255 12.17 12.00 14.56
C LEU A 255 12.14 13.23 15.47
N ARG A 256 13.30 13.85 15.68
CA ARG A 256 13.42 15.05 16.51
C ARG A 256 12.49 16.02 15.87
N GLY A 257 12.49 15.93 14.55
CA GLY A 257 11.64 16.75 13.71
C GLY A 257 12.46 17.73 12.88
N GLU A 258 11.83 18.53 12.00
CA GLU A 258 12.66 19.59 11.35
C GLU A 258 13.32 20.10 12.67
N PRO B 14 4.64 -27.22 -11.32
CA PRO B 14 5.80 -26.57 -10.72
C PRO B 14 6.73 -25.73 -11.61
N LEU B 15 8.05 -25.70 -11.32
CA LEU B 15 9.04 -24.78 -11.95
C LEU B 15 8.87 -24.00 -13.25
N GLU B 16 7.64 -23.88 -13.74
CA GLU B 16 7.42 -22.96 -14.82
C GLU B 16 6.00 -22.47 -14.68
N GLY B 17 5.86 -21.15 -14.79
CA GLY B 17 4.59 -20.49 -14.67
C GLY B 17 4.33 -19.87 -13.30
N TYR B 18 3.04 -19.79 -12.97
CA TYR B 18 2.54 -19.22 -11.70
C TYR B 18 1.25 -19.85 -11.17
N THR B 19 1.18 -19.91 -9.85
CA THR B 19 0.00 -20.43 -9.16
C THR B 19 -0.53 -19.31 -8.28
N LEU B 20 -1.84 -19.09 -8.34
CA LEU B 20 -2.46 -18.02 -7.57
C LEU B 20 -3.42 -18.55 -6.51
N PHE B 21 -3.15 -18.23 -5.26
CA PHE B 21 -4.01 -18.62 -4.15
C PHE B 21 -4.97 -17.49 -3.87
N SER B 22 -6.18 -17.61 -4.34
CA SER B 22 -7.12 -16.56 -4.12
C SER B 22 -8.34 -17.07 -3.37
N HIS B 23 -9.47 -16.45 -3.61
CA HIS B 23 -10.72 -16.86 -2.99
C HIS B 23 -11.87 -16.31 -3.85
N ARG B 24 -12.88 -17.15 -4.11
CA ARG B 24 -14.02 -16.79 -4.96
C ARG B 24 -14.57 -15.38 -4.79
N SER B 25 -14.48 -14.81 -3.59
CA SER B 25 -14.96 -13.44 -3.43
C SER B 25 -13.93 -12.53 -2.78
N ALA B 26 -12.71 -12.56 -3.32
CA ALA B 26 -11.64 -11.70 -2.83
C ALA B 26 -11.26 -10.77 -3.97
N PRO B 27 -11.64 -9.49 -3.89
CA PRO B 27 -11.29 -8.56 -4.97
C PRO B 27 -9.80 -8.44 -5.27
N ASN B 28 -8.97 -8.34 -4.24
CA ASN B 28 -7.54 -8.22 -4.49
C ASN B 28 -7.01 -9.48 -5.14
N GLY B 29 -7.82 -10.54 -5.11
CA GLY B 29 -7.41 -11.78 -5.74
C GLY B 29 -7.63 -11.69 -7.24
N PHE B 30 -8.81 -11.22 -7.63
CA PHE B 30 -9.12 -11.07 -9.04
C PHE B 30 -8.32 -9.93 -9.64
N LYS B 31 -7.73 -9.10 -8.78
CA LYS B 31 -6.93 -8.00 -9.23
C LYS B 31 -5.63 -8.54 -9.79
N VAL B 32 -5.09 -9.57 -9.14
CA VAL B 32 -3.86 -10.21 -9.56
C VAL B 32 -4.11 -11.07 -10.79
N ALA B 33 -5.26 -11.72 -10.83
CA ALA B 33 -5.63 -12.54 -11.95
C ALA B 33 -5.74 -11.71 -13.23
N ILE B 34 -6.39 -10.55 -13.13
CA ILE B 34 -6.55 -9.64 -14.26
C ILE B 34 -5.21 -9.24 -14.85
N VAL B 35 -4.28 -8.85 -14.00
CA VAL B 35 -2.96 -8.41 -14.46
C VAL B 35 -2.17 -9.57 -15.04
N LEU B 36 -2.37 -10.76 -14.50
CA LEU B 36 -1.67 -11.91 -15.03
C LEU B 36 -2.16 -12.02 -16.45
N SER B 37 -3.47 -12.26 -16.60
CA SER B 37 -4.09 -12.40 -17.91
C SER B 37 -3.72 -11.30 -18.90
N GLU B 38 -3.67 -10.08 -18.40
CA GLU B 38 -3.38 -8.93 -19.23
C GLU B 38 -1.91 -8.87 -19.63
N LEU B 39 -1.06 -9.49 -18.83
CA LEU B 39 0.34 -9.54 -19.15
C LEU B 39 0.67 -10.84 -19.88
N GLY B 40 -0.30 -11.73 -20.01
CA GLY B 40 -0.04 -12.98 -20.72
C GLY B 40 0.39 -14.19 -19.93
N PHE B 41 1.12 -13.99 -18.84
CA PHE B 41 1.59 -15.10 -18.03
C PHE B 41 0.55 -16.19 -17.82
N HIS B 42 1.02 -17.44 -17.82
CA HIS B 42 0.16 -18.62 -17.61
C HIS B 42 0.08 -18.94 -16.13
N TYR B 43 -1.15 -19.03 -15.66
CA TYR B 43 -1.37 -19.26 -14.25
C TYR B 43 -2.57 -20.14 -13.97
N ASN B 44 -2.55 -20.71 -12.77
CA ASN B 44 -3.62 -21.58 -12.27
C ASN B 44 -4.08 -20.91 -11.00
N THR B 45 -5.37 -21.01 -10.74
CA THR B 45 -5.86 -20.41 -9.52
C THR B 45 -6.34 -21.47 -8.57
N ILE B 46 -5.84 -21.42 -7.34
CA ILE B 46 -6.27 -22.37 -6.34
C ILE B 46 -7.14 -21.60 -5.36
N PHE B 47 -8.44 -21.87 -5.38
CA PHE B 47 -9.29 -21.18 -4.45
C PHE B 47 -9.08 -21.86 -3.11
N LEU B 48 -9.49 -21.22 -2.03
CA LEU B 48 -9.33 -21.77 -0.71
C LEU B 48 -10.68 -21.71 -0.07
N ASP B 49 -11.02 -22.76 0.66
CA ASP B 49 -12.28 -22.76 1.34
C ASP B 49 -11.94 -22.21 2.71
N PHE B 50 -12.43 -21.00 2.97
CA PHE B 50 -12.16 -20.34 4.24
C PHE B 50 -13.03 -20.87 5.38
N ASN B 51 -14.08 -21.61 5.02
CA ASN B 51 -14.98 -22.25 5.98
C ASN B 51 -14.42 -23.61 6.43
N LEU B 52 -13.90 -24.39 5.48
CA LEU B 52 -13.31 -25.68 5.82
C LEU B 52 -11.83 -25.52 6.20
N GLY B 53 -11.49 -24.33 6.72
CA GLY B 53 -10.14 -24.01 7.18
C GLY B 53 -8.94 -24.43 6.32
N GLU B 54 -9.19 -24.63 5.03
CA GLU B 54 -8.18 -25.05 4.06
C GLU B 54 -6.96 -24.12 3.88
N HIS B 55 -7.08 -22.91 4.41
CA HIS B 55 -6.00 -21.94 4.30
C HIS B 55 -5.05 -21.99 5.51
N ARG B 56 -5.50 -22.67 6.57
CA ARG B 56 -4.69 -22.83 7.77
C ARG B 56 -3.73 -24.01 7.56
N ALA B 57 -3.79 -24.58 6.35
CA ALA B 57 -2.92 -25.68 5.96
C ALA B 57 -1.47 -25.23 6.14
N PRO B 58 -0.79 -25.74 7.17
CA PRO B 58 0.60 -25.45 7.56
C PRO B 58 1.52 -25.04 6.41
N GLU B 59 1.31 -25.69 5.26
CA GLU B 59 2.10 -25.46 4.06
C GLU B 59 1.90 -24.11 3.38
N PHE B 60 0.66 -23.62 3.41
CA PHE B 60 0.28 -22.34 2.82
C PHE B 60 0.80 -21.20 3.69
N VAL B 61 0.61 -21.38 4.99
CA VAL B 61 1.02 -20.44 6.02
C VAL B 61 2.49 -20.06 5.88
N SER B 62 3.24 -20.93 5.23
CA SER B 62 4.64 -20.66 5.09
C SER B 62 4.95 -19.69 3.97
N VAL B 63 4.15 -19.75 2.91
CA VAL B 63 4.35 -18.88 1.74
C VAL B 63 3.61 -17.55 1.86
N ASN B 64 2.54 -17.55 2.65
CA ASN B 64 1.69 -16.38 2.89
C ASN B 64 1.68 -16.03 4.39
N PRO B 65 2.75 -15.37 4.90
CA PRO B 65 2.80 -15.02 6.32
C PRO B 65 1.67 -14.15 6.91
N ASN B 66 0.92 -13.45 6.07
CA ASN B 66 -0.17 -12.60 6.57
C ASN B 66 -1.51 -13.30 6.74
N ALA B 67 -1.64 -14.52 6.22
CA ALA B 67 -2.88 -15.27 6.36
C ALA B 67 -4.05 -14.74 5.53
N ARG B 68 -3.78 -13.82 4.60
CA ARG B 68 -4.83 -13.27 3.75
C ARG B 68 -4.55 -13.56 2.30
N VAL B 69 -5.60 -13.72 1.52
CA VAL B 69 -5.42 -13.94 0.11
C VAL B 69 -5.17 -12.56 -0.46
N PRO B 70 -4.52 -12.48 -1.62
CA PRO B 70 -4.03 -13.62 -2.40
C PRO B 70 -2.54 -13.84 -2.14
N ALA B 71 -2.00 -14.85 -2.81
CA ALA B 71 -0.58 -15.19 -2.76
C ALA B 71 -0.22 -15.76 -4.15
N LEU B 72 0.94 -15.38 -4.67
CA LEU B 72 1.36 -15.83 -5.99
C LEU B 72 2.71 -16.50 -5.95
N ILE B 73 2.78 -17.70 -6.52
CA ILE B 73 4.06 -18.39 -6.57
C ILE B 73 4.59 -18.28 -7.98
N ASP B 74 5.79 -17.71 -8.08
CA ASP B 74 6.47 -17.55 -9.36
C ASP B 74 7.42 -18.73 -9.48
N HIS B 75 6.90 -19.82 -10.04
CA HIS B 75 7.68 -21.03 -10.22
C HIS B 75 8.98 -20.75 -10.98
N GLY B 76 8.89 -20.02 -12.09
CA GLY B 76 10.11 -19.71 -12.83
C GLY B 76 11.22 -19.21 -11.92
N ASP B 78 12.14 -20.42 -8.55
CA ASP B 78 12.28 -21.28 -7.38
C ASP B 78 11.12 -21.14 -6.43
N ASN B 79 9.92 -21.20 -6.96
CA ASN B 79 8.72 -21.07 -6.14
C ASN B 79 8.67 -19.87 -5.20
N LEU B 80 9.21 -18.74 -5.65
CA LEU B 80 9.21 -17.48 -4.89
C LEU B 80 7.75 -17.16 -4.60
N SER B 81 7.46 -16.65 -3.41
CA SER B 81 6.08 -16.34 -3.08
C SER B 81 5.94 -14.84 -2.79
N ILE B 82 5.05 -14.16 -3.52
CA ILE B 82 4.79 -12.74 -3.25
C ILE B 82 3.36 -12.75 -2.68
N TRP B 83 3.25 -12.30 -1.44
CA TRP B 83 1.99 -12.35 -0.72
C TRP B 83 1.14 -11.10 -0.49
N GLU B 84 1.42 -10.00 -1.19
CA GLU B 84 0.58 -8.78 -1.08
C GLU B 84 0.23 -8.40 -2.51
N SER B 85 -1.06 -8.23 -2.81
CA SER B 85 -1.52 -7.91 -4.16
C SER B 85 -0.73 -6.78 -4.81
N GLY B 86 -0.37 -5.79 -4.02
CA GLY B 86 0.39 -4.68 -4.57
C GLY B 86 1.79 -5.10 -4.96
N ALA B 87 2.44 -5.87 -4.08
CA ALA B 87 3.80 -6.34 -4.32
C ALA B 87 3.73 -7.32 -5.49
N ILE B 88 2.66 -8.11 -5.53
CA ILE B 88 2.47 -9.05 -6.63
C ILE B 88 2.45 -8.29 -7.96
N LEU B 89 1.61 -7.24 -8.04
CA LEU B 89 1.51 -6.46 -9.27
C LEU B 89 2.86 -5.87 -9.68
N LEU B 90 3.54 -5.18 -8.78
CA LEU B 90 4.82 -4.61 -9.11
C LEU B 90 5.80 -5.70 -9.56
N HIS B 91 5.66 -6.89 -9.00
CA HIS B 91 6.54 -7.98 -9.39
C HIS B 91 6.27 -8.29 -10.86
N LEU B 92 5.06 -8.70 -11.16
CA LEU B 92 4.68 -9.02 -12.53
C LEU B 92 5.07 -7.99 -13.59
N VAL B 93 4.79 -6.71 -13.38
CA VAL B 93 5.14 -5.75 -14.41
C VAL B 93 6.63 -5.48 -14.51
N ASN B 94 7.36 -5.67 -13.41
CA ASN B 94 8.81 -5.43 -13.39
C ASN B 94 9.47 -6.57 -14.17
N LYS B 95 8.89 -7.76 -14.04
CA LYS B 95 9.38 -8.98 -14.68
C LYS B 95 9.00 -9.08 -16.16
N TYR B 96 8.03 -8.27 -16.58
CA TYR B 96 7.59 -8.28 -17.98
C TYR B 96 8.42 -7.26 -18.74
N TYR B 97 8.70 -6.13 -18.11
CA TYR B 97 9.50 -5.12 -18.77
C TYR B 97 10.89 -5.73 -19.04
N LYS B 98 11.41 -6.49 -18.08
CA LYS B 98 12.71 -7.14 -18.22
C LYS B 98 12.67 -8.19 -19.32
N GLU B 99 11.68 -9.06 -19.24
CA GLU B 99 11.53 -10.13 -20.20
C GLU B 99 11.39 -9.64 -21.65
N THR B 100 10.60 -8.59 -21.86
CA THR B 100 10.34 -8.09 -23.22
C THR B 100 10.77 -6.66 -23.51
N GLY B 101 11.51 -6.04 -22.60
CA GLY B 101 11.96 -4.66 -22.82
C GLY B 101 10.82 -3.70 -23.07
N ASN B 102 9.59 -4.21 -23.01
CA ASN B 102 8.39 -3.40 -23.23
C ASN B 102 7.60 -3.30 -21.89
N PRO B 103 7.50 -2.09 -21.29
CA PRO B 103 6.79 -1.83 -20.03
C PRO B 103 5.27 -1.75 -20.16
N LEU B 104 4.66 -2.92 -20.32
CA LEU B 104 3.20 -3.08 -20.48
C LEU B 104 2.51 -2.85 -19.13
N LEU B 105 1.44 -2.05 -19.11
CA LEU B 105 0.70 -1.73 -17.87
C LEU B 105 1.63 -1.07 -16.84
N TRP B 106 2.72 -0.51 -17.31
CA TRP B 106 3.69 0.04 -16.43
C TRP B 106 4.31 1.18 -17.22
N SER B 107 5.50 1.59 -16.84
CA SER B 107 6.19 2.67 -17.52
C SER B 107 7.68 2.49 -17.44
N ASP B 108 8.35 3.09 -18.41
CA ASP B 108 9.79 3.06 -18.55
C ASP B 108 10.37 4.25 -17.74
N ASP B 109 9.57 5.29 -17.65
CA ASP B 109 9.92 6.53 -16.97
C ASP B 109 9.80 6.44 -15.45
N LEU B 110 10.82 6.94 -14.74
CA LEU B 110 10.80 6.91 -13.28
C LEU B 110 9.72 7.84 -12.69
N ALA B 111 9.57 9.04 -13.22
CA ALA B 111 8.57 9.92 -12.68
C ALA B 111 7.20 9.29 -12.88
N ASP B 112 7.06 8.56 -13.99
CA ASP B 112 5.81 7.92 -14.34
C ASP B 112 5.48 6.80 -13.38
N GLN B 113 6.51 6.08 -12.97
CA GLN B 113 6.34 4.96 -12.07
C GLN B 113 5.95 5.40 -10.67
N SER B 114 6.62 6.44 -10.18
CA SER B 114 6.32 6.91 -8.85
C SER B 114 4.86 7.31 -8.83
N GLN B 115 4.29 7.63 -9.99
CA GLN B 115 2.90 8.04 -10.05
C GLN B 115 1.99 6.84 -10.10
N ILE B 116 2.45 5.78 -10.77
CA ILE B 116 1.67 4.55 -10.84
C ILE B 116 1.71 4.00 -9.40
N ASN B 117 2.86 4.08 -8.76
CA ASN B 117 2.97 3.58 -7.41
C ASN B 117 2.10 4.35 -6.45
N ALA B 118 1.97 5.65 -6.66
CA ALA B 118 1.16 6.45 -5.78
C ALA B 118 -0.28 5.99 -5.85
N TRP B 119 -0.79 5.72 -7.05
CA TRP B 119 -2.19 5.29 -7.20
C TRP B 119 -2.42 3.86 -6.73
N LEU B 120 -1.39 3.02 -6.85
CA LEU B 120 -1.45 1.62 -6.44
C LEU B 120 -1.53 1.52 -4.91
N PHE B 121 -0.69 2.30 -4.23
CA PHE B 121 -0.68 2.36 -2.78
C PHE B 121 -1.93 3.05 -2.24
N PHE B 122 -2.48 3.99 -3.02
CA PHE B 122 -3.68 4.67 -2.62
C PHE B 122 -4.81 3.67 -2.67
N GLN B 123 -4.82 2.88 -3.73
CA GLN B 123 -5.85 1.88 -3.89
C GLN B 123 -5.72 0.81 -2.79
N THR B 124 -4.54 0.22 -2.62
CA THR B 124 -4.36 -0.84 -1.65
C THR B 124 -4.51 -0.45 -0.20
N SER B 125 -4.09 0.75 0.13
CA SER B 125 -4.12 1.19 1.52
C SER B 125 -5.13 2.25 1.90
N GLY B 126 -5.78 2.88 0.95
CA GLY B 126 -6.73 3.90 1.34
C GLY B 126 -8.13 3.63 0.83
N HIS B 127 -8.18 2.84 -0.23
CA HIS B 127 -9.41 2.49 -0.92
C HIS B 127 -9.92 1.10 -0.47
N ALA B 128 -9.19 0.05 -0.82
CA ALA B 128 -9.56 -1.31 -0.44
C ALA B 128 -9.88 -1.52 1.05
N PRO B 129 -9.01 -1.05 1.97
CA PRO B 129 -9.28 -1.24 3.41
C PRO B 129 -10.57 -0.54 3.87
N ILE B 131 -13.34 0.12 2.03
CA ILE B 131 -14.49 -0.59 1.49
C ILE B 131 -14.69 -1.84 2.37
N GLY B 132 -13.60 -2.50 2.74
CA GLY B 132 -13.66 -3.68 3.57
C GLY B 132 -14.31 -3.44 4.90
N GLN B 133 -14.04 -2.30 5.53
CA GLN B 133 -14.63 -1.99 6.83
C GLN B 133 -16.12 -1.68 6.67
N ALA B 134 -16.44 -0.94 5.62
CA ALA B 134 -17.81 -0.60 5.32
C ALA B 134 -18.59 -1.90 5.17
N LEU B 135 -18.03 -2.85 4.41
CA LEU B 135 -18.68 -4.13 4.22
C LEU B 135 -18.80 -4.85 5.54
N HIS B 136 -17.73 -4.83 6.34
CA HIS B 136 -17.77 -5.52 7.63
C HIS B 136 -18.92 -5.00 8.45
N PHE B 137 -18.90 -3.70 8.72
CA PHE B 137 -19.96 -3.11 9.53
C PHE B 137 -21.39 -3.19 9.02
N ARG B 138 -21.58 -3.34 7.70
CA ARG B 138 -22.92 -3.43 7.12
C ARG B 138 -23.41 -4.84 7.08
N TYR B 139 -22.49 -5.76 6.99
CA TYR B 139 -22.85 -7.15 6.86
C TYR B 139 -22.35 -8.13 7.91
N PHE B 140 -21.15 -7.91 8.42
CA PHE B 140 -20.56 -8.88 9.34
C PHE B 140 -20.33 -8.56 10.81
N HIS B 141 -20.40 -7.29 11.20
CA HIS B 141 -20.17 -6.99 12.59
C HIS B 141 -21.29 -7.54 13.44
N SER B 142 -20.94 -8.11 14.57
CA SER B 142 -21.92 -8.67 15.49
C SER B 142 -23.06 -7.70 15.76
N GLN B 143 -22.71 -6.42 15.87
CA GLN B 143 -23.68 -5.35 16.15
C GLN B 143 -23.73 -4.46 14.89
N LYS B 144 -24.92 -4.28 14.32
CA LYS B 144 -25.10 -3.46 13.11
C LYS B 144 -25.22 -1.97 13.41
N ILE B 145 -24.07 -1.33 13.68
CA ILE B 145 -24.01 0.08 14.04
C ILE B 145 -23.95 1.11 12.90
N ALA B 146 -25.06 1.82 12.73
CA ALA B 146 -25.17 2.82 11.68
C ALA B 146 -24.04 3.84 11.59
N SER B 147 -23.64 4.46 12.70
CA SER B 147 -22.56 5.47 12.69
C SER B 147 -21.24 4.93 12.14
N ALA B 148 -21.02 3.63 12.37
CA ALA B 148 -19.83 2.94 11.93
C ALA B 148 -19.87 2.86 10.41
N VAL B 149 -20.99 2.36 9.91
CA VAL B 149 -21.18 2.21 8.49
C VAL B 149 -21.06 3.52 7.69
N GLU B 150 -21.62 4.60 8.22
CA GLU B 150 -21.57 5.87 7.52
C GLU B 150 -20.15 6.33 7.44
N ARG B 151 -19.41 6.09 8.53
CA ARG B 151 -17.99 6.49 8.60
C ARG B 151 -17.25 6.02 7.37
N TYR B 152 -17.40 4.74 7.10
CA TYR B 152 -16.72 4.12 6.00
C TYR B 152 -17.37 4.35 4.69
N THR B 153 -18.69 4.44 4.68
CA THR B 153 -19.41 4.69 3.44
C THR B 153 -18.98 6.07 2.97
N ASP B 154 -18.75 6.97 3.93
CA ASP B 154 -18.32 8.33 3.63
C ASP B 154 -16.88 8.33 3.12
N GLU B 155 -16.00 7.59 3.80
CA GLU B 155 -14.62 7.57 3.36
C GLU B 155 -14.50 6.92 2.01
N VAL B 156 -15.33 5.93 1.72
CA VAL B 156 -15.21 5.34 0.40
C VAL B 156 -15.57 6.37 -0.66
N ARG B 157 -16.68 7.09 -0.46
CA ARG B 157 -17.12 8.12 -1.40
C ARG B 157 -16.05 9.18 -1.55
N ARG B 158 -15.36 9.46 -0.46
CA ARG B 158 -14.31 10.46 -0.51
C ARG B 158 -13.20 9.99 -1.43
N VAL B 159 -12.63 8.83 -1.14
CA VAL B 159 -11.55 8.35 -1.98
C VAL B 159 -12.02 8.17 -3.43
N TYR B 160 -13.31 7.93 -3.64
CA TYR B 160 -13.78 7.80 -5.01
C TYR B 160 -13.85 9.18 -5.62
N GLY B 161 -14.02 10.20 -4.79
CA GLY B 161 -14.06 11.55 -5.30
C GLY B 161 -12.69 11.96 -5.80
N VAL B 162 -11.66 11.53 -5.09
CA VAL B 162 -10.31 11.88 -5.47
C VAL B 162 -10.06 11.28 -6.84
N VAL B 163 -10.46 10.02 -7.03
CA VAL B 163 -10.27 9.37 -8.32
C VAL B 163 -11.07 10.10 -9.42
N GLU B 164 -12.37 10.29 -9.17
CA GLU B 164 -13.27 10.94 -10.12
C GLU B 164 -12.73 12.28 -10.57
N ALA B 166 -9.60 13.23 -10.56
CA ALA B 166 -8.35 13.07 -11.28
C ALA B 166 -8.69 12.74 -12.72
N LEU B 167 -9.58 11.76 -12.88
CA LEU B 167 -10.01 11.34 -14.20
C LEU B 167 -10.52 12.54 -14.99
N ALA B 168 -11.40 13.34 -14.36
CA ALA B 168 -11.94 14.53 -15.01
C ALA B 168 -10.81 15.40 -15.56
N GLU B 169 -9.90 15.79 -14.68
CA GLU B 169 -8.78 16.61 -15.08
C GLU B 169 -8.08 16.12 -16.34
N ARG B 170 -7.85 14.82 -16.45
CA ARG B 170 -7.18 14.26 -17.62
C ARG B 170 -8.01 14.34 -18.89
N ARG B 171 -9.35 14.37 -18.72
CA ARG B 171 -10.26 14.46 -19.87
C ARG B 171 -10.29 15.89 -20.43
N GLU B 172 -10.11 16.87 -19.56
CA GLU B 172 -10.12 18.24 -19.99
C GLU B 172 -8.74 18.66 -20.53
N ALA B 173 -7.68 18.15 -19.91
CA ALA B 173 -6.33 18.49 -20.37
C ALA B 173 -6.10 17.80 -21.73
N LEU B 174 -7.09 16.99 -22.14
CA LEU B 174 -7.02 16.26 -23.40
C LEU B 174 -7.97 16.88 -24.45
N VAL B 175 -8.95 17.65 -23.98
CA VAL B 175 -9.88 18.32 -24.90
C VAL B 175 -9.12 19.58 -25.37
N PHE B 199 -16.30 9.82 -29.18
CA PHE B 199 -17.12 10.04 -27.99
C PHE B 199 -16.26 10.16 -26.70
N ASP B 200 -16.61 9.37 -25.68
CA ASP B 200 -15.90 9.37 -24.41
C ASP B 200 -14.72 8.43 -24.45
N TYR B 201 -13.65 8.88 -25.10
CA TYR B 201 -12.44 8.09 -25.21
C TYR B 201 -11.95 7.66 -23.84
N PRO B 202 -11.26 6.52 -23.76
CA PRO B 202 -10.78 6.10 -22.45
C PRO B 202 -9.69 7.04 -21.97
N VAL B 203 -9.82 7.40 -20.70
CA VAL B 203 -8.86 8.28 -20.04
C VAL B 203 -8.24 7.41 -18.94
N TRP B 204 -6.95 7.59 -18.67
CA TRP B 204 -6.28 6.81 -17.64
C TRP B 204 -5.62 7.66 -16.58
N LEU B 205 -5.22 7.03 -15.49
CA LEU B 205 -4.60 7.76 -14.40
C LEU B 205 -3.16 8.18 -14.64
N VAL B 206 -2.39 7.40 -15.38
CA VAL B 206 -0.99 7.76 -15.64
C VAL B 206 -0.53 7.44 -17.05
N GLY B 207 0.17 8.43 -17.63
CA GLY B 207 0.72 8.32 -18.97
C GLY B 207 -0.29 8.15 -20.10
N ASP B 208 -1.52 8.60 -19.88
CA ASP B 208 -2.54 8.47 -20.90
C ASP B 208 -2.44 7.07 -21.53
N LYS B 209 -2.24 6.09 -20.66
CA LYS B 209 -2.11 4.69 -21.02
C LYS B 209 -2.63 3.84 -19.85
N LEU B 210 -3.20 2.69 -20.16
CA LEU B 210 -3.69 1.80 -19.12
C LEU B 210 -2.54 1.14 -18.34
N THR B 211 -2.49 1.37 -17.02
CA THR B 211 -1.45 0.77 -16.17
C THR B 211 -2.10 -0.02 -15.03
N ILE B 212 -1.27 -0.63 -14.18
CA ILE B 212 -1.77 -1.38 -13.03
C ILE B 212 -2.44 -0.42 -12.06
N ALA B 213 -2.11 0.86 -12.17
CA ALA B 213 -2.73 1.85 -11.32
C ALA B 213 -4.23 1.79 -11.58
N ASP B 214 -4.60 1.72 -12.85
CA ASP B 214 -6.01 1.70 -13.23
C ASP B 214 -6.69 0.40 -12.86
N LEU B 215 -6.06 -0.71 -13.25
CA LEU B 215 -6.58 -2.05 -13.00
C LEU B 215 -6.81 -2.40 -11.54
N ALA B 216 -5.93 -1.90 -10.67
CA ALA B 216 -6.05 -2.17 -9.25
C ALA B 216 -7.46 -1.90 -8.76
N PHE B 217 -8.09 -0.82 -9.23
CA PHE B 217 -9.42 -0.45 -8.77
C PHE B 217 -10.60 -1.25 -9.26
N VAL B 218 -10.51 -1.73 -10.51
CA VAL B 218 -11.62 -2.42 -11.18
C VAL B 218 -12.39 -3.49 -10.42
N PRO B 219 -11.71 -4.42 -9.72
CA PRO B 219 -12.44 -5.47 -9.00
C PRO B 219 -13.24 -4.84 -7.86
N TRP B 220 -12.70 -3.77 -7.28
CA TRP B 220 -13.37 -3.06 -6.19
C TRP B 220 -14.52 -2.20 -6.66
N ASN B 221 -14.34 -1.54 -7.80
CA ASN B 221 -15.38 -0.71 -8.36
C ASN B 221 -16.62 -1.56 -8.52
N ASN B 222 -16.41 -2.82 -8.88
CA ASN B 222 -17.51 -3.76 -9.10
C ASN B 222 -18.28 -4.21 -7.87
N VAL B 223 -17.78 -3.84 -6.70
CA VAL B 223 -18.36 -4.28 -5.46
C VAL B 223 -19.01 -3.20 -4.61
N VAL B 224 -18.64 -1.93 -4.81
CA VAL B 224 -19.17 -0.83 -3.98
C VAL B 224 -20.67 -0.63 -3.94
N ASP B 225 -21.37 -1.14 -4.94
CA ASP B 225 -22.82 -1.03 -4.97
C ASP B 225 -23.32 -1.81 -3.76
N ARG B 226 -22.54 -2.80 -3.34
CA ARG B 226 -22.89 -3.63 -2.22
C ARG B 226 -22.96 -2.81 -0.92
N ILE B 227 -22.25 -1.68 -0.87
CA ILE B 227 -22.30 -0.84 0.32
C ILE B 227 -23.03 0.47 0.02
N GLY B 228 -23.94 0.41 -0.94
CA GLY B 228 -24.74 1.58 -1.27
C GLY B 228 -24.15 2.60 -2.23
N ILE B 229 -23.08 2.26 -2.93
CA ILE B 229 -22.50 3.23 -3.85
C ILE B 229 -22.79 2.92 -5.32
N ASN B 230 -23.52 3.83 -5.95
CA ASN B 230 -23.87 3.69 -7.35
C ASN B 230 -22.85 4.52 -8.08
N ILE B 231 -21.90 3.88 -8.74
CA ILE B 231 -20.88 4.64 -9.44
C ILE B 231 -21.43 5.36 -10.67
N LYS B 232 -22.36 4.73 -11.37
CA LYS B 232 -22.97 5.33 -12.55
C LYS B 232 -23.57 6.70 -12.31
N ILE B 233 -24.19 6.90 -11.15
CA ILE B 233 -24.83 8.17 -10.85
C ILE B 233 -23.93 9.10 -10.06
N GLU B 234 -23.15 8.52 -9.14
CA GLU B 234 -22.29 9.32 -8.28
C GLU B 234 -20.92 9.67 -8.88
N PHE B 235 -20.32 8.75 -9.62
CA PHE B 235 -19.00 9.00 -10.18
C PHE B 235 -18.94 8.62 -11.64
N PRO B 236 -19.46 9.49 -12.50
CA PRO B 236 -19.55 9.36 -13.96
C PRO B 236 -18.24 9.02 -14.64
N GLU B 237 -17.16 9.68 -14.22
CA GLU B 237 -15.87 9.39 -14.82
C GLU B 237 -15.42 8.01 -14.41
N VAL B 238 -15.57 7.72 -13.12
CA VAL B 238 -15.20 6.42 -12.61
C VAL B 238 -16.00 5.37 -13.34
N TYR B 239 -17.26 5.69 -13.60
CA TYR B 239 -18.15 4.77 -14.29
C TYR B 239 -17.75 4.46 -15.76
N LYS B 240 -17.22 5.45 -16.47
CA LYS B 240 -16.79 5.25 -17.85
C LYS B 240 -15.45 4.54 -17.89
N TRP B 241 -14.63 4.83 -16.89
CA TRP B 241 -13.30 4.25 -16.68
C TRP B 241 -13.44 2.73 -16.44
N THR B 242 -14.27 2.36 -15.48
CA THR B 242 -14.49 0.95 -15.16
C THR B 242 -15.07 0.23 -16.37
N LYS B 243 -15.96 0.93 -17.07
CA LYS B 243 -16.60 0.42 -18.26
C LYS B 243 -15.56 0.08 -19.32
N HIS B 244 -14.61 0.96 -19.56
CA HIS B 244 -13.59 0.67 -20.54
C HIS B 244 -12.75 -0.53 -20.12
N ARG B 247 -14.71 -4.05 -20.44
CA ARG B 247 -14.89 -4.48 -21.84
C ARG B 247 -13.72 -5.34 -22.31
N ARG B 248 -12.54 -5.11 -21.75
CA ARG B 248 -11.38 -5.87 -22.15
C ARG B 248 -11.58 -7.36 -21.86
N PRO B 249 -11.42 -8.20 -22.88
CA PRO B 249 -11.61 -9.63 -22.70
C PRO B 249 -10.67 -10.23 -21.66
N ALA B 250 -9.41 -9.81 -21.66
CA ALA B 250 -8.44 -10.33 -20.70
C ALA B 250 -9.00 -10.17 -19.30
N VAL B 251 -9.62 -9.00 -19.07
CA VAL B 251 -10.21 -8.64 -17.78
C VAL B 251 -11.41 -9.52 -17.52
N ILE B 252 -12.13 -9.80 -18.59
CA ILE B 252 -13.34 -10.60 -18.49
C ILE B 252 -13.08 -12.06 -18.15
N LYS B 253 -12.16 -12.71 -18.84
CA LYS B 253 -11.90 -14.11 -18.56
C LYS B 253 -11.37 -14.28 -17.14
N ALA B 254 -10.51 -13.35 -16.73
CA ALA B 254 -9.91 -13.37 -15.40
C ALA B 254 -10.97 -13.32 -14.32
N LEU B 255 -11.99 -12.50 -14.55
CA LEU B 255 -13.07 -12.36 -13.58
C LEU B 255 -13.99 -13.57 -13.62
N ARG B 256 -13.96 -14.27 -14.75
CA ARG B 256 -14.76 -15.47 -14.98
C ARG B 256 -14.44 -16.43 -13.85
N GLY B 257 -13.17 -16.42 -13.46
CA GLY B 257 -12.69 -17.30 -12.41
C GLY B 257 -11.89 -18.37 -13.11
N GLU B 258 -10.59 -18.13 -13.24
CA GLU B 258 -9.68 -19.09 -13.88
C GLU B 258 -9.34 -20.18 -12.94
#